data_4DS0
#
_entry.id   4DS0
#
_cell.length_a   43.750
_cell.length_b   35.540
_cell.length_c   44.060
_cell.angle_alpha   90.00
_cell.angle_beta   94.85
_cell.angle_gamma   90.00
#
_symmetry.space_group_name_H-M   'P 1 21 1'
#
loop_
_entity.id
_entity.type
_entity.pdbx_description
1 polymer 'Outer capsid protein VP4'
2 branched alpha-L-fucopyranose-(1-2)-[2-acetamido-2-deoxy-alpha-D-galactopyranose-(1-3)]beta-D-galactopyranose-(1-4)-2-acetamido-2-deoxy-beta-D-glucopyranose
3 water water
#
_entity_poly.entity_id   1
_entity_poly.type   'polypeptide(L)'
_entity_poly.pdbx_seq_one_letter_code
;GSTLDGPYQPTTFNLPIDYWMLIAPTQIGRVAEGTNTTDRWFACVLVEPNVQNTQREYVLDGQTVQLQVSNNSSTLWKFI
LFIKLEKNGAYSQYSTLSTSNKLCAWMKREGRVYWYAGTTPNASESYYLTINNDNSNVSCDAEFYLIPRSQTELCTQYIN
NGL
;
_entity_poly.pdbx_strand_id   A
#
loop_
_chem_comp.id
_chem_comp.type
_chem_comp.name
_chem_comp.formula
A2G D-saccharide, alpha linking 2-acetamido-2-deoxy-alpha-D-galactopyranose 'C8 H15 N O6'
FUC L-saccharide, alpha linking alpha-L-fucopyranose 'C6 H12 O5'
GAL D-saccharide, beta linking beta-D-galactopyranose 'C6 H12 O6'
NAG D-saccharide, beta linking 2-acetamido-2-deoxy-beta-D-glucopyranose 'C8 H15 N O6'
#
# COMPACT_ATOMS: atom_id res chain seq x y z
N GLY A 1 4.75 -23.91 8.32
CA GLY A 1 4.72 -22.51 7.97
C GLY A 1 3.33 -22.01 7.61
N SER A 2 3.18 -20.69 7.51
CA SER A 2 1.91 -20.08 7.15
C SER A 2 1.55 -20.39 5.70
N THR A 3 0.26 -20.54 5.46
CA THR A 3 -0.24 -20.87 4.13
C THR A 3 -1.20 -19.79 3.69
N LEU A 4 -0.81 -19.05 2.64
CA LEU A 4 -1.61 -17.95 2.13
C LEU A 4 -1.93 -18.18 0.68
N ASP A 5 -2.99 -17.55 0.19
CA ASP A 5 -3.31 -17.60 -1.23
C ASP A 5 -2.38 -16.68 -2.01
N GLY A 6 -1.37 -17.27 -2.61
CA GLY A 6 -0.37 -16.54 -3.36
C GLY A 6 0.95 -17.29 -3.28
N PRO A 7 2.04 -16.68 -3.77
CA PRO A 7 2.09 -15.33 -4.34
C PRO A 7 1.56 -15.27 -5.76
N TYR A 8 0.78 -14.23 -6.04
CA TYR A 8 0.41 -13.88 -7.39
C TYR A 8 1.45 -12.94 -7.99
N GLN A 9 1.69 -13.08 -9.30
CA GLN A 9 2.58 -12.19 -10.01
C GLN A 9 1.99 -10.79 -10.11
N PRO A 10 2.85 -9.77 -10.18
CA PRO A 10 2.40 -8.39 -10.37
C PRO A 10 1.44 -8.28 -11.54
N THR A 11 0.39 -7.49 -11.36
CA THR A 11 -0.60 -7.28 -12.41
C THR A 11 -1.47 -6.07 -12.11
N THR A 12 -2.34 -5.74 -13.07
CA THR A 12 -3.42 -4.76 -12.86
C THR A 12 -4.73 -5.53 -12.93
N PHE A 13 -5.54 -5.41 -11.89
CA PHE A 13 -6.81 -6.14 -11.86
C PHE A 13 -7.85 -5.46 -10.98
N ASN A 14 -9.09 -5.89 -11.15
CA ASN A 14 -10.20 -5.40 -10.34
C ASN A 14 -10.21 -6.20 -9.06
N LEU A 15 -9.46 -5.73 -8.06
CA LEU A 15 -9.38 -6.41 -6.78
C LEU A 15 -10.78 -6.60 -6.21
N PRO A 16 -11.18 -7.87 -5.92
CA PRO A 16 -12.52 -8.09 -5.37
C PRO A 16 -12.66 -7.48 -3.98
N ILE A 17 -13.86 -7.01 -3.65
CA ILE A 17 -14.11 -6.48 -2.31
C ILE A 17 -13.89 -7.56 -1.25
N ASP A 18 -13.59 -7.11 -0.03
CA ASP A 18 -13.49 -7.98 1.14
C ASP A 18 -12.31 -8.94 1.11
N TYR A 19 -11.25 -8.56 0.40
CA TYR A 19 -9.98 -9.29 0.42
C TYR A 19 -8.82 -8.34 0.68
N TRP A 20 -8.00 -8.69 1.66
CA TRP A 20 -6.72 -8.00 1.84
C TRP A 20 -5.81 -8.39 0.70
N MET A 21 -5.25 -7.39 0.05
CA MET A 21 -4.16 -7.60 -0.88
C MET A 21 -2.91 -7.33 -0.08
N LEU A 22 -2.23 -8.40 0.31
CA LEU A 22 -1.00 -8.31 1.11
C LEU A 22 0.17 -8.32 0.14
N ILE A 23 0.84 -7.18 0.03
CA ILE A 23 1.83 -6.97 -1.03
C ILE A 23 3.22 -7.11 -0.45
N ALA A 24 4.09 -7.81 -1.19
CA ALA A 24 5.39 -8.25 -0.69
C ALA A 24 6.53 -7.87 -1.62
N PRO A 25 6.88 -6.57 -1.64
CA PRO A 25 7.92 -6.06 -2.55
C PRO A 25 9.31 -6.54 -2.19
N THR A 26 10.19 -6.59 -3.18
CA THR A 26 11.61 -6.80 -2.93
C THR A 26 12.41 -5.54 -3.22
N GLN A 27 11.83 -4.62 -3.97
CA GLN A 27 12.50 -3.39 -4.37
C GLN A 27 11.91 -2.18 -3.64
N ILE A 28 12.76 -1.20 -3.34
CA ILE A 28 12.28 0.09 -2.86
C ILE A 28 11.62 0.83 -4.03
N GLY A 29 10.91 1.90 -3.72
CA GLY A 29 10.23 2.68 -4.73
C GLY A 29 8.76 2.33 -4.84
N ARG A 30 8.20 2.51 -6.04
CA ARG A 30 6.78 2.28 -6.24
C ARG A 30 6.42 0.83 -5.95
N VAL A 31 5.34 0.63 -5.20
CA VAL A 31 4.92 -0.70 -4.84
C VAL A 31 3.58 -1.04 -5.52
N ALA A 32 2.61 -0.14 -5.40
CA ALA A 32 1.29 -0.39 -5.97
C ALA A 32 0.50 0.90 -6.09
N GLU A 33 -0.52 0.89 -6.94
CA GLU A 33 -1.37 2.07 -7.12
C GLU A 33 -2.79 1.61 -7.40
N GLY A 34 -3.73 2.53 -7.25
CA GLY A 34 -5.11 2.24 -7.61
C GLY A 34 -5.86 3.52 -7.87
N THR A 35 -7.03 3.41 -8.50
CA THR A 35 -7.84 4.60 -8.74
C THR A 35 -9.29 4.25 -8.94
N ASN A 36 -10.17 5.17 -8.57
CA ASN A 36 -11.57 5.06 -8.97
C ASN A 36 -11.87 5.78 -10.29
N THR A 37 -10.82 6.36 -10.89
CA THR A 37 -10.88 7.12 -12.16
C THR A 37 -11.56 8.50 -12.07
N THR A 38 -11.99 8.90 -10.89
CA THR A 38 -12.76 10.16 -10.78
C THR A 38 -12.17 11.17 -9.80
N ASP A 39 -11.90 10.74 -8.56
CA ASP A 39 -11.37 11.70 -7.58
C ASP A 39 -10.39 11.10 -6.59
N ARG A 40 -9.93 9.87 -6.85
CA ARG A 40 -8.90 9.25 -6.03
C ARG A 40 -7.94 8.45 -6.88
N TRP A 41 -6.67 8.84 -6.82
CA TRP A 41 -5.56 8.05 -7.36
C TRP A 41 -4.63 7.84 -6.18
N PHE A 42 -4.48 6.60 -5.74
CA PHE A 42 -3.67 6.33 -4.56
C PHE A 42 -2.48 5.45 -4.90
N ALA A 43 -1.42 5.60 -4.13
CA ALA A 43 -0.17 4.93 -4.44
C ALA A 43 0.61 4.70 -3.16
N CYS A 44 1.27 3.55 -3.07
CA CYS A 44 2.21 3.37 -1.98
C CYS A 44 3.62 3.17 -2.53
N VAL A 45 4.55 3.75 -1.79
CA VAL A 45 5.94 3.73 -2.15
C VAL A 45 6.71 3.20 -0.95
N LEU A 46 7.80 2.48 -1.21
CA LEU A 46 8.61 1.91 -0.15
C LEU A 46 9.92 2.69 -0.03
N VAL A 47 10.25 3.08 1.20
CA VAL A 47 11.49 3.79 1.52
C VAL A 47 12.32 3.01 2.51
N GLU A 48 13.61 2.88 2.21
CA GLU A 48 14.53 2.12 3.05
C GLU A 48 14.84 2.90 4.34
N PRO A 49 15.45 2.22 5.32
CA PRO A 49 15.80 2.93 6.55
C PRO A 49 16.84 4.03 6.33
N ASN A 50 16.87 5.00 7.24
CA ASN A 50 17.93 6.01 7.28
C ASN A 50 17.99 6.87 6.03
N VAL A 51 16.86 7.46 5.69
CA VAL A 51 16.78 8.37 4.54
C VAL A 51 16.40 9.79 5.00
N GLN A 52 17.33 10.72 4.84
CA GLN A 52 17.05 12.12 5.14
C GLN A 52 16.06 12.65 4.13
N ASN A 53 15.23 13.62 4.54
CA ASN A 53 14.23 14.17 3.66
C ASN A 53 14.83 14.50 2.30
N THR A 54 14.18 14.00 1.25
CA THR A 54 14.72 14.11 -0.09
C THR A 54 13.60 13.96 -1.11
N GLN A 55 13.81 14.50 -2.29
CA GLN A 55 12.84 14.36 -3.36
C GLN A 55 13.29 13.25 -4.30
N ARG A 56 12.44 12.23 -4.43
CA ARG A 56 12.69 11.15 -5.39
C ARG A 56 11.64 11.16 -6.50
N GLU A 57 11.96 10.50 -7.61
CA GLU A 57 11.02 10.42 -8.71
C GLU A 57 10.35 9.06 -8.76
N TYR A 58 9.03 9.08 -8.98
CA TYR A 58 8.24 7.87 -9.14
C TYR A 58 7.31 8.05 -10.31
N VAL A 59 6.97 6.96 -10.98
CA VAL A 59 5.97 7.04 -12.03
C VAL A 59 4.62 6.64 -11.44
N LEU A 60 3.80 7.66 -11.18
CA LEU A 60 2.47 7.48 -10.61
C LEU A 60 1.41 7.93 -11.60
N ASP A 61 0.40 7.09 -11.81
CA ASP A 61 -0.64 7.36 -12.81
C ASP A 61 -0.03 7.71 -14.16
N GLY A 62 1.07 7.04 -14.50
CA GLY A 62 1.70 7.19 -15.80
C GLY A 62 2.69 8.32 -15.87
N GLN A 63 2.63 9.23 -14.90
CA GLN A 63 3.44 10.45 -14.95
C GLN A 63 4.63 10.38 -14.02
N THR A 64 5.78 10.88 -14.46
CA THR A 64 6.91 11.01 -13.55
C THR A 64 6.66 12.19 -12.63
N VAL A 65 6.58 11.91 -11.33
CA VAL A 65 6.34 12.94 -10.34
C VAL A 65 7.50 12.98 -9.34
N GLN A 66 7.74 14.17 -8.80
CA GLN A 66 8.73 14.36 -7.76
C GLN A 66 8.02 14.46 -6.41
N LEU A 67 8.40 13.58 -5.48
CA LEU A 67 7.76 13.56 -4.16
C LEU A 67 8.79 13.53 -3.06
N GLN A 68 8.53 14.29 -2.00
CA GLN A 68 9.41 14.28 -0.84
C GLN A 68 9.13 13.03 0.00
N VAL A 69 10.19 12.31 0.33
CA VAL A 69 10.11 11.17 1.24
C VAL A 69 11.22 11.27 2.29
N SER A 70 10.98 10.67 3.44
CA SER A 70 12.00 10.53 4.48
C SER A 70 11.70 9.28 5.29
N ASN A 71 12.72 8.78 5.98
CA ASN A 71 12.55 7.68 6.92
C ASN A 71 13.63 7.82 7.97
N ASN A 72 13.28 8.37 9.13
CA ASN A 72 14.28 8.59 10.18
C ASN A 72 14.57 7.37 11.06
N SER A 73 13.96 6.23 10.76
CA SER A 73 14.30 4.99 11.47
C SER A 73 15.60 4.42 10.94
N SER A 74 16.48 3.99 11.84
CA SER A 74 17.68 3.32 11.39
C SER A 74 17.44 1.85 11.03
N THR A 75 16.27 1.32 11.38
CA THR A 75 16.06 -0.11 11.23
C THR A 75 14.81 -0.50 10.46
N LEU A 76 13.77 0.32 10.56
CA LEU A 76 12.48 -0.03 9.96
C LEU A 76 12.34 0.52 8.56
N TRP A 77 11.72 -0.26 7.70
CA TRP A 77 11.31 0.23 6.39
C TRP A 77 10.05 1.05 6.54
N LYS A 78 9.75 1.87 5.55
CA LYS A 78 8.58 2.74 5.61
C LYS A 78 7.81 2.71 4.29
N PHE A 79 6.55 2.30 4.35
CA PHE A 79 5.63 2.50 3.23
C PHE A 79 4.92 3.83 3.43
N ILE A 80 4.82 4.61 2.36
CA ILE A 80 4.09 5.87 2.40
C ILE A 80 2.91 5.80 1.44
N LEU A 81 1.72 6.18 1.93
CA LEU A 81 0.52 6.21 1.11
C LEU A 81 0.26 7.62 0.62
N PHE A 82 0.33 7.81 -0.70
CA PHE A 82 0.11 9.10 -1.36
C PHE A 82 -1.22 9.04 -2.09
N ILE A 83 -1.94 10.16 -2.12
CA ILE A 83 -3.20 10.25 -2.85
C ILE A 83 -3.30 11.56 -3.61
N LYS A 84 -3.76 11.50 -4.86
CA LYS A 84 -4.15 12.72 -5.56
C LYS A 84 -5.65 12.70 -5.78
N LEU A 85 -6.26 13.88 -5.80
CA LEU A 85 -7.71 14.03 -5.73
C LEU A 85 -8.36 14.42 -7.04
N GLU A 86 -7.53 14.67 -8.05
CA GLU A 86 -8.02 14.97 -9.39
C GLU A 86 -6.94 14.61 -10.40
N LYS A 87 -7.35 14.35 -11.64
CA LYS A 87 -6.46 13.74 -12.62
C LYS A 87 -5.16 14.51 -12.80
N ASN A 88 -5.24 15.84 -12.80
CA ASN A 88 -4.09 16.67 -13.07
C ASN A 88 -3.45 17.24 -11.81
N GLY A 89 -3.88 16.74 -10.65
CA GLY A 89 -3.47 17.30 -9.38
C GLY A 89 -2.17 16.70 -8.88
N ALA A 90 -1.72 17.21 -7.74
CA ALA A 90 -0.51 16.71 -7.11
C ALA A 90 -0.85 15.72 -6.00
N TYR A 91 0.07 14.81 -5.73
CA TYR A 91 -0.11 13.85 -4.63
C TYR A 91 0.25 14.50 -3.29
N SER A 92 -0.56 14.21 -2.27
CA SER A 92 -0.22 14.52 -0.89
C SER A 92 -0.01 13.23 -0.09
N GLN A 93 0.69 13.33 1.03
CA GLN A 93 0.90 12.19 1.92
C GLN A 93 -0.23 12.05 2.95
N TYR A 94 -0.76 10.84 3.10
CA TYR A 94 -1.90 10.61 3.99
C TYR A 94 -1.68 9.62 5.13
N SER A 95 -0.79 8.65 4.93
CA SER A 95 -0.58 7.62 5.94
C SER A 95 0.78 6.96 5.72
N THR A 96 1.29 6.28 6.75
CA THR A 96 2.55 5.56 6.63
C THR A 96 2.50 4.26 7.42
N LEU A 97 3.36 3.33 7.02
CA LEU A 97 3.54 2.09 7.75
C LEU A 97 5.02 1.88 7.94
N SER A 98 5.45 1.89 9.20
CA SER A 98 6.86 1.67 9.55
C SER A 98 6.96 0.23 10.02
N THR A 99 7.84 -0.53 9.38
CA THR A 99 7.78 -1.99 9.52
C THR A 99 9.13 -2.70 9.39
N SER A 100 9.29 -3.77 10.18
CA SER A 100 10.46 -4.62 10.07
C SER A 100 10.26 -5.71 9.03
N ASN A 101 9.04 -5.78 8.49
CA ASN A 101 8.62 -6.94 7.70
C ASN A 101 8.44 -6.69 6.20
N LYS A 102 8.40 -5.44 5.77
CA LYS A 102 8.32 -5.10 4.35
C LYS A 102 7.04 -5.59 3.65
N LEU A 103 5.97 -5.71 4.41
CA LEU A 103 4.69 -6.11 3.84
C LEU A 103 3.71 -4.98 4.09
N CYS A 104 2.85 -4.71 3.11
CA CYS A 104 1.77 -3.76 3.32
C CYS A 104 0.48 -4.39 2.85
N ALA A 105 -0.66 -3.79 3.20
CA ALA A 105 -1.92 -4.39 2.76
C ALA A 105 -3.05 -3.38 2.67
N TRP A 106 -3.91 -3.57 1.68
CA TRP A 106 -5.14 -2.79 1.60
C TRP A 106 -6.33 -3.65 1.18
N MET A 107 -7.53 -3.14 1.44
CA MET A 107 -8.76 -3.85 1.12
C MET A 107 -9.81 -2.88 0.61
N LYS A 108 -10.56 -3.29 -0.41
CA LYS A 108 -11.74 -2.55 -0.86
C LYS A 108 -12.95 -3.05 -0.07
N ARG A 109 -13.54 -2.20 0.75
CA ARG A 109 -14.80 -2.54 1.37
C ARG A 109 -15.56 -1.29 1.82
N GLU A 110 -16.89 -1.36 1.74
CA GLU A 110 -17.75 -0.28 2.19
C GLU A 110 -17.47 1.02 1.45
N GLY A 111 -17.11 0.90 0.18
CA GLY A 111 -16.78 2.04 -0.66
C GLY A 111 -15.48 2.71 -0.28
N ARG A 112 -14.67 2.03 0.54
CA ARG A 112 -13.42 2.58 1.04
C ARG A 112 -12.27 1.68 0.64
N VAL A 113 -11.06 2.22 0.73
CA VAL A 113 -9.85 1.40 0.71
C VAL A 113 -9.21 1.52 2.09
N TYR A 114 -9.20 0.41 2.83
CA TYR A 114 -8.56 0.35 4.13
C TYR A 114 -7.09 -0.01 3.97
N TRP A 115 -6.27 0.50 4.88
CA TRP A 115 -4.82 0.43 4.76
C TRP A 115 -4.20 0.19 6.13
N TYR A 116 -3.21 -0.70 6.20
CA TYR A 116 -2.49 -0.92 7.45
C TYR A 116 -1.47 0.19 7.67
N ALA A 117 -1.56 0.81 8.84
CA ALA A 117 -0.70 1.94 9.19
C ALA A 117 -0.16 1.77 10.60
N GLY A 118 0.84 2.57 10.92
CA GLY A 118 1.41 2.56 12.26
C GLY A 118 2.83 2.02 12.23
N THR A 119 3.23 1.40 13.34
CA THR A 119 4.57 0.85 13.50
C THR A 119 4.48 -0.58 13.98
N THR A 120 5.06 -1.51 13.23
CA THR A 120 5.04 -2.91 13.65
C THR A 120 5.76 -3.02 15.00
N PRO A 121 5.35 -3.98 15.86
CA PRO A 121 4.35 -5.03 15.63
C PRO A 121 2.91 -4.61 15.99
N ASN A 122 2.64 -3.31 15.93
CA ASN A 122 1.32 -2.79 16.28
C ASN A 122 0.64 -2.02 15.17
N ALA A 123 0.93 -2.42 13.93
CA ALA A 123 0.25 -1.86 12.78
C ALA A 123 -1.17 -2.39 12.78
N SER A 124 -2.10 -1.58 12.30
CA SER A 124 -3.50 -1.98 12.26
C SER A 124 -4.17 -1.30 11.08
N GLU A 125 -5.36 -1.78 10.72
CA GLU A 125 -6.11 -1.19 9.61
C GLU A 125 -6.87 0.06 10.04
N SER A 126 -6.12 1.02 10.58
CA SER A 126 -6.70 2.21 11.18
C SER A 126 -6.99 3.31 10.17
N TYR A 127 -6.50 3.16 8.95
CA TYR A 127 -6.67 4.19 7.94
C TYR A 127 -7.53 3.72 6.77
N TYR A 128 -8.30 4.64 6.21
CA TYR A 128 -8.95 4.40 4.93
C TYR A 128 -9.17 5.69 4.13
N LEU A 129 -9.28 5.53 2.82
CA LEU A 129 -9.73 6.60 1.95
C LEU A 129 -11.05 6.16 1.32
N THR A 130 -11.83 7.11 0.84
CA THR A 130 -13.12 6.79 0.26
C THR A 130 -13.03 6.76 -1.27
N ILE A 131 -13.46 5.67 -1.90
CA ILE A 131 -13.48 5.59 -3.35
C ILE A 131 -14.87 5.42 -4.00
N ASN A 132 -15.80 4.80 -3.28
CA ASN A 132 -17.15 4.59 -3.83
C ASN A 132 -17.15 4.12 -5.29
N ASN A 133 -16.37 3.07 -5.56
CA ASN A 133 -16.34 2.43 -6.87
C ASN A 133 -15.75 1.03 -6.72
N ASP A 134 -16.62 0.04 -6.56
CA ASP A 134 -16.18 -1.32 -6.31
C ASP A 134 -15.37 -1.94 -7.44
N ASN A 135 -15.39 -1.30 -8.62
CA ASN A 135 -14.65 -1.82 -9.76
C ASN A 135 -13.32 -1.10 -9.97
N SER A 136 -12.86 -0.41 -8.93
CA SER A 136 -11.59 0.27 -9.01
C SER A 136 -10.46 -0.73 -9.22
N ASN A 137 -9.65 -0.48 -10.26
CA ASN A 137 -8.49 -1.31 -10.53
C ASN A 137 -7.32 -0.97 -9.62
N VAL A 138 -6.53 -1.98 -9.29
CA VAL A 138 -5.28 -1.81 -8.58
C VAL A 138 -4.15 -2.32 -9.47
N SER A 139 -3.03 -1.61 -9.47
CA SER A 139 -1.83 -2.04 -10.19
C SER A 139 -0.76 -2.35 -9.16
N CYS A 140 -0.07 -3.47 -9.32
CA CYS A 140 0.90 -3.90 -8.34
C CYS A 140 2.24 -4.21 -9.03
N ASP A 141 3.33 -3.69 -8.47
CA ASP A 141 4.67 -3.96 -9.00
C ASP A 141 5.33 -5.14 -8.33
N ALA A 142 4.67 -5.66 -7.29
CA ALA A 142 5.26 -6.72 -6.48
C ALA A 142 4.34 -7.92 -6.47
N GLU A 143 4.88 -9.05 -6.05
CA GLU A 143 4.08 -10.22 -5.75
C GLU A 143 3.14 -9.92 -4.59
N PHE A 144 2.00 -10.59 -4.56
CA PHE A 144 1.02 -10.33 -3.51
C PHE A 144 0.21 -11.57 -3.17
N TYR A 145 -0.47 -11.50 -2.03
CA TYR A 145 -1.34 -12.57 -1.57
C TYR A 145 -2.72 -11.98 -1.37
N LEU A 146 -3.73 -12.84 -1.35
CA LEU A 146 -5.09 -12.39 -1.07
C LEU A 146 -5.58 -13.11 0.18
N ILE A 147 -6.11 -12.33 1.12
CA ILE A 147 -6.58 -12.89 2.39
C ILE A 147 -8.03 -12.45 2.61
N PRO A 148 -8.96 -13.40 2.76
CA PRO A 148 -10.35 -12.97 2.93
C PRO A 148 -10.52 -12.20 4.24
N ARG A 149 -11.55 -11.37 4.29
CA ARG A 149 -11.80 -10.57 5.49
C ARG A 149 -11.99 -11.43 6.73
N SER A 150 -12.51 -12.64 6.57
CA SER A 150 -12.71 -13.54 7.71
C SER A 150 -11.39 -13.86 8.39
N GLN A 151 -10.30 -13.63 7.68
CA GLN A 151 -8.96 -13.90 8.20
C GLN A 151 -8.16 -12.61 8.41
N THR A 152 -8.86 -11.50 8.65
CA THR A 152 -8.21 -10.24 8.98
C THR A 152 -7.17 -10.41 10.09
N GLU A 153 -7.48 -11.22 11.10
CA GLU A 153 -6.53 -11.44 12.20
C GLU A 153 -5.20 -12.00 11.66
N LEU A 154 -5.26 -12.85 10.65
CA LEU A 154 -4.05 -13.38 10.04
C LEU A 154 -3.31 -12.30 9.26
N CYS A 155 -4.05 -11.48 8.50
CA CYS A 155 -3.39 -10.36 7.83
C CYS A 155 -2.65 -9.48 8.81
N THR A 156 -3.30 -9.15 9.92
CA THR A 156 -2.68 -8.32 10.96
C THR A 156 -1.40 -9.00 11.47
N GLN A 157 -1.49 -10.30 11.72
CA GLN A 157 -0.34 -11.09 12.16
C GLN A 157 0.82 -11.03 11.17
N TYR A 158 0.53 -11.19 9.88
CA TYR A 158 1.58 -11.18 8.88
C TYR A 158 2.19 -9.78 8.72
N ILE A 159 1.37 -8.74 8.69
CA ILE A 159 1.90 -7.38 8.61
C ILE A 159 2.87 -7.13 9.75
N ASN A 160 2.54 -7.66 10.93
CA ASN A 160 3.30 -7.32 12.13
C ASN A 160 4.44 -8.27 12.47
N ASN A 161 4.37 -9.52 12.01
CA ASN A 161 5.35 -10.52 12.37
C ASN A 161 6.02 -11.17 11.18
N GLY A 162 5.50 -10.88 9.99
CA GLY A 162 5.94 -11.56 8.78
C GLY A 162 5.20 -12.88 8.60
N LEU A 163 5.50 -13.56 7.49
CA LEU A 163 4.89 -14.86 7.20
C LEU A 163 5.58 -15.94 8.03
C1 NAG B . -8.63 12.17 13.56
C2 NAG B . -7.95 11.09 12.81
C3 NAG B . -8.40 11.10 11.47
C4 NAG B . -9.83 10.73 11.38
C5 NAG B . -10.66 11.26 12.52
C6 NAG B . -11.00 10.14 13.49
C7 NAG B . -5.62 10.80 13.91
C8 NAG B . -4.15 11.10 13.91
N2 NAG B . -6.46 11.34 12.85
O1 NAG B . -8.47 11.97 14.88
O3 NAG B . -7.59 10.21 10.65
O4 NAG B . -10.36 11.24 10.12
O5 NAG B . -10.08 12.32 13.22
O6 NAG B . -11.78 9.11 13.02
O7 NAG B . -6.10 10.11 14.79
C1 GAL B . -10.89 10.19 9.36
C2 GAL B . -11.29 10.71 7.97
C3 GAL B . -11.62 9.71 7.05
C4 GAL B . -10.68 8.58 7.05
C5 GAL B . -10.44 8.09 8.45
C6 GAL B . -9.43 6.97 8.51
O2 GAL B . -12.43 11.63 8.11
O3 GAL B . -11.76 10.34 5.71
O4 GAL B . -9.44 8.94 6.45
O5 GAL B . -9.95 9.13 9.27
O6 GAL B . -9.36 6.25 9.71
C1 FUC B . -12.10 12.89 7.62
C2 FUC B . -13.33 13.71 7.42
C3 FUC B . -14.01 13.95 8.64
C4 FUC B . -13.14 14.50 9.69
C5 FUC B . -11.86 13.69 9.82
C6 FUC B . -10.95 14.30 10.85
O2 FUC B . -14.22 13.08 6.48
O3 FUC B . -15.11 14.87 8.41
O4 FUC B . -12.82 15.83 9.38
O5 FUC B . -11.20 13.56 8.59
O5 A2G B . -13.54 9.08 4.95
C1 A2G B . -12.22 9.47 4.71
C2 A2G B . -12.14 10.16 3.38
N2 A2G B . -10.72 10.60 3.15
C3 A2G B . -13.02 11.32 3.30
O3 A2G B . -12.97 11.91 2.00
C4 A2G B . -14.46 10.96 3.69
O4 A2G B . -15.09 10.24 2.64
C5 A2G B . -14.52 10.21 4.96
C6 A2G B . -15.89 9.70 5.28
O6 A2G B . -15.99 8.89 6.43
C7 A2G B . -10.07 10.36 1.85
O7 A2G B . -10.64 9.77 0.94
C8 A2G B . -8.65 10.81 1.65
#